data_6RPG
#
_entry.id   6RPG
#
_cell.length_a   75.894
_cell.length_b   75.894
_cell.length_c   98.205
_cell.angle_alpha   90.00
_cell.angle_beta   90.00
_cell.angle_gamma   120.00
#
_symmetry.space_group_name_H-M   'P 31 2 1'
#
loop_
_entity.id
_entity.type
_entity.pdbx_description
1 polymer 'Programmed cell death 1 ligand 1'
2 non-polymer ~{N}-[2-[[4-[[3-[3-[[4-[(2-acetamidoethylamino)methyl]-5-[(5-cyanopyridin-3-yl)methoxy]-2-methyl-phenoxy]methyl]-2-methyl-phenyl]-2-methyl-phenyl]methoxy]-2-[(5-cyanopyridin-3-yl)methoxy]-5-methyl-phenyl]methylamino]ethyl]ethanamide
3 water water
#
_entity_poly.entity_id   1
_entity_poly.type   'polypeptide(L)'
_entity_poly.pdbx_seq_one_letter_code
;AFTVTVPKDLYVVEYGSNMTIECKFPVEKQLDLAALIVYWEMEDKNIIQFVHGEEDLKVQHSSYRQRARLLKDQLSLGNA
ALQITDVKLQDAGVYRCMISYGGADYKRITVKVNAPYAAALEHHHHHH
;
_entity_poly.pdbx_strand_id   A,B
#
# COMPACT_ATOMS: atom_id res chain seq x y z
N ALA A 1 -16.51 6.82 0.09
CA ALA A 1 -15.18 6.23 -0.22
C ALA A 1 -14.84 5.14 0.81
N PHE A 2 -14.24 4.04 0.34
CA PHE A 2 -13.80 2.89 1.18
C PHE A 2 -12.67 3.35 2.10
N THR A 3 -12.89 3.24 3.42
CA THR A 3 -11.94 3.71 4.43
C THR A 3 -11.72 2.65 5.52
N VAL A 4 -10.53 2.06 5.52
CA VAL A 4 -10.19 1.08 6.59
C VAL A 4 -9.94 1.92 7.82
N THR A 5 -10.32 1.45 9.00
CA THR A 5 -10.12 2.29 10.19
C THR A 5 -9.40 1.50 11.28
N VAL A 6 -8.74 2.20 12.21
CA VAL A 6 -8.00 1.51 13.30
C VAL A 6 -8.50 1.99 14.64
N PRO A 7 -9.16 1.15 15.44
CA PRO A 7 -9.65 1.53 16.73
C PRO A 7 -8.50 2.03 17.60
N LYS A 8 -7.36 1.38 17.50
CA LYS A 8 -6.16 1.70 18.34
C LYS A 8 -4.94 1.79 17.44
N ASP A 9 -4.45 3.01 17.18
CA ASP A 9 -3.28 3.22 16.29
C ASP A 9 -2.01 3.39 17.15
N LEU A 10 -1.97 2.77 18.32
CA LEU A 10 -0.80 2.84 19.23
C LEU A 10 -0.92 1.74 20.29
N TYR A 11 -0.18 0.65 20.13
CA TYR A 11 -0.23 -0.48 21.10
C TYR A 11 1.08 -0.47 21.87
N VAL A 12 1.02 -0.23 23.18
CA VAL A 12 2.16 -0.44 24.11
C VAL A 12 1.93 -1.80 24.77
N VAL A 13 2.90 -2.70 24.72
CA VAL A 13 2.77 -4.07 25.30
C VAL A 13 4.07 -4.48 26.00
N GLU A 14 4.02 -5.62 26.68
CA GLU A 14 5.13 -6.17 27.50
C GLU A 14 5.87 -7.21 26.66
N TYR A 15 7.21 -7.17 26.67
CA TYR A 15 8.09 -8.27 26.19
C TYR A 15 7.45 -9.60 26.58
N GLY A 16 7.38 -10.56 25.65
CA GLY A 16 6.97 -11.95 25.93
C GLY A 16 5.46 -12.17 25.91
N SER A 17 4.67 -11.10 25.81
CA SER A 17 3.20 -11.29 25.88
C SER A 17 2.55 -11.68 24.55
N ASN A 18 1.27 -11.38 24.43
CA ASN A 18 0.51 -11.69 23.20
C ASN A 18 -0.12 -10.37 22.77
N MET A 19 -0.18 -10.10 21.48
CA MET A 19 -0.68 -8.80 21.01
C MET A 19 -1.66 -9.03 19.88
N THR A 20 -2.62 -8.14 19.66
CA THR A 20 -3.54 -8.39 18.52
C THR A 20 -3.85 -7.04 17.90
N ILE A 21 -3.26 -6.79 16.74
CA ILE A 21 -3.37 -5.48 16.05
C ILE A 21 -4.61 -5.54 15.16
N GLU A 22 -5.59 -4.67 15.37
CA GLU A 22 -6.82 -4.78 14.56
C GLU A 22 -6.90 -3.69 13.52
N CYS A 23 -7.45 -4.03 12.37
CA CYS A 23 -7.74 -3.10 11.26
C CYS A 23 -9.16 -3.45 10.86
N LYS A 24 -10.03 -2.48 10.69
CA LYS A 24 -11.41 -2.84 10.33
C LYS A 24 -11.73 -2.22 8.99
N PHE A 25 -12.60 -2.88 8.24
CA PHE A 25 -13.03 -2.43 6.90
C PHE A 25 -14.53 -2.70 6.79
N PRO A 26 -15.24 -2.01 5.88
CA PRO A 26 -16.69 -2.17 5.71
C PRO A 26 -17.16 -3.44 5.01
N VAL A 27 -18.15 -4.13 5.59
CA VAL A 27 -18.71 -5.36 4.96
C VAL A 27 -20.23 -5.25 4.94
N GLU A 28 -20.82 -5.30 3.74
CA GLU A 28 -22.29 -5.30 3.56
C GLU A 28 -22.73 -6.77 3.46
N LYS A 29 -23.70 -7.18 4.29
CA LYS A 29 -24.22 -8.57 4.33
C LYS A 29 -22.96 -9.41 4.58
N GLN A 30 -22.72 -10.44 3.76
CA GLN A 30 -21.65 -11.45 4.03
C GLN A 30 -20.30 -10.95 3.51
N LEU A 31 -19.25 -11.77 3.67
CA LEU A 31 -17.89 -11.39 3.22
C LEU A 31 -17.55 -12.21 1.98
N ASP A 32 -17.11 -11.57 0.90
CA ASP A 32 -16.78 -12.24 -0.36
C ASP A 32 -15.26 -12.35 -0.43
N LEU A 33 -14.73 -13.57 -0.26
CA LEU A 33 -13.29 -13.86 -0.35
C LEU A 33 -12.79 -13.45 -1.73
N ALA A 34 -13.51 -13.74 -2.80
CA ALA A 34 -13.23 -13.17 -4.14
C ALA A 34 -13.24 -11.64 -3.95
N ALA A 35 -12.22 -10.94 -4.39
CA ALA A 35 -12.13 -9.46 -4.17
C ALA A 35 -11.80 -9.02 -2.71
N LEU A 36 -11.37 -9.91 -1.81
CA LEU A 36 -10.74 -9.50 -0.51
C LEU A 36 -9.24 -9.82 -0.57
N ILE A 37 -8.41 -8.81 -0.29
CA ILE A 37 -6.94 -8.96 -0.16
C ILE A 37 -6.50 -8.22 1.10
N VAL A 38 -5.71 -8.89 1.91
CA VAL A 38 -5.24 -8.35 3.22
C VAL A 38 -3.73 -8.58 3.26
N TYR A 39 -2.96 -7.53 3.48
CA TYR A 39 -1.49 -7.57 3.49
C TYR A 39 -1.02 -6.76 4.69
N TRP A 40 -0.17 -7.39 5.49
CA TRP A 40 0.41 -6.80 6.71
C TRP A 40 1.92 -6.76 6.53
N GLU A 41 2.52 -5.59 6.69
CA GLU A 41 4.00 -5.52 6.54
C GLU A 41 4.57 -4.64 7.64
N MET A 42 5.77 -4.97 8.12
CA MET A 42 6.52 -4.05 9.01
C MET A 42 7.89 -3.77 8.42
N GLU A 43 8.15 -2.51 8.10
CA GLU A 43 9.48 -2.13 7.58
C GLU A 43 9.77 -2.98 6.35
N ASP A 44 8.75 -3.22 5.52
CA ASP A 44 8.92 -3.99 4.25
C ASP A 44 9.06 -5.51 4.49
N LYS A 45 8.91 -5.95 5.71
CA LYS A 45 8.95 -7.41 5.95
C LYS A 45 7.52 -7.90 5.81
N ASN A 46 7.30 -8.89 4.95
CA ASN A 46 5.98 -9.51 4.68
C ASN A 46 5.55 -10.31 5.90
N ILE A 47 4.49 -9.87 6.58
CA ILE A 47 3.96 -10.54 7.80
C ILE A 47 2.76 -11.41 7.41
N ILE A 48 1.75 -10.82 6.79
CA ILE A 48 0.53 -11.53 6.32
C ILE A 48 0.28 -11.16 4.85
N GLN A 49 0.12 -12.17 4.00
CA GLN A 49 -0.20 -12.04 2.57
C GLN A 49 -1.39 -12.96 2.31
N PHE A 50 -2.59 -12.39 2.35
CA PHE A 50 -3.88 -13.11 2.21
C PHE A 50 -4.56 -12.62 0.94
N VAL A 51 -4.74 -13.48 -0.06
CA VAL A 51 -5.28 -13.09 -1.40
C VAL A 51 -6.44 -14.02 -1.76
N HIS A 52 -7.66 -13.51 -1.78
CA HIS A 52 -8.88 -14.30 -2.11
C HIS A 52 -8.94 -15.59 -1.28
N GLY A 53 -8.40 -15.58 -0.04
CA GLY A 53 -8.44 -16.71 0.90
C GLY A 53 -7.21 -17.62 0.86
N GLU A 54 -6.25 -17.38 -0.02
CA GLU A 54 -5.02 -18.21 -0.07
C GLU A 54 -3.88 -17.46 0.63
N GLU A 55 -3.09 -18.23 1.37
CA GLU A 55 -1.92 -17.79 2.17
C GLU A 55 -0.81 -18.82 1.96
N ASP A 56 0.45 -18.41 2.01
CA ASP A 56 1.62 -19.31 1.76
C ASP A 56 2.72 -19.08 2.83
N LEU A 57 2.96 -20.09 3.69
CA LEU A 57 4.01 -20.03 4.71
C LEU A 57 5.33 -19.57 4.09
N LYS A 58 5.55 -19.81 2.79
CA LYS A 58 6.89 -19.68 2.19
C LYS A 58 7.30 -18.20 2.14
N VAL A 59 6.34 -17.27 2.18
CA VAL A 59 6.58 -15.82 1.91
C VAL A 59 6.67 -15.01 3.19
N GLN A 60 6.39 -15.59 4.34
CA GLN A 60 6.48 -14.89 5.65
C GLN A 60 7.96 -14.62 5.97
N HIS A 61 8.25 -13.43 6.47
CA HIS A 61 9.61 -13.08 6.93
C HIS A 61 9.94 -14.01 8.09
N SER A 62 11.21 -14.40 8.21
CA SER A 62 11.69 -15.39 9.21
C SER A 62 11.51 -14.95 10.67
N SER A 63 11.39 -13.66 10.97
CA SER A 63 11.28 -13.27 12.40
C SER A 63 9.84 -13.37 12.88
N TYR A 64 8.90 -13.53 11.95
CA TYR A 64 7.44 -13.56 12.26
C TYR A 64 6.87 -14.98 12.17
N ARG A 65 7.60 -15.91 11.56
CA ARG A 65 7.14 -17.31 11.37
C ARG A 65 6.79 -17.92 12.73
N GLN A 66 5.64 -18.62 12.80
CA GLN A 66 5.16 -19.39 13.98
C GLN A 66 4.81 -18.46 15.15
N ARG A 67 4.62 -17.15 14.89
CA ARG A 67 4.16 -16.17 15.91
C ARG A 67 3.03 -15.29 15.35
N ALA A 68 2.99 -15.05 14.03
CA ALA A 68 2.12 -14.04 13.37
C ALA A 68 1.06 -14.74 12.51
N ARG A 69 -0.20 -14.58 12.91
CA ARG A 69 -1.33 -15.20 12.18
C ARG A 69 -2.44 -14.18 11.96
N LEU A 70 -3.18 -14.32 10.87
CA LEU A 70 -4.36 -13.47 10.57
C LEU A 70 -5.60 -14.22 11.06
N LEU A 71 -6.25 -13.74 12.12
CA LEU A 71 -7.41 -14.47 12.68
C LEU A 71 -8.57 -14.46 11.68
N LYS A 72 -9.03 -15.64 11.27
CA LYS A 72 -10.12 -15.73 10.28
C LYS A 72 -11.48 -15.49 10.95
N ASP A 73 -11.58 -15.68 12.26
CA ASP A 73 -12.90 -15.48 12.92
C ASP A 73 -13.31 -14.01 12.84
N GLN A 74 -12.40 -13.07 13.02
CA GLN A 74 -12.79 -11.64 12.99
C GLN A 74 -12.96 -11.17 11.55
N LEU A 75 -12.15 -11.72 10.65
CA LEU A 75 -12.20 -11.32 9.22
C LEU A 75 -13.68 -11.27 8.76
N SER A 76 -14.39 -12.34 9.04
CA SER A 76 -15.82 -12.49 8.65
C SER A 76 -16.64 -11.33 9.18
N LEU A 77 -16.16 -10.60 10.17
CA LEU A 77 -17.00 -9.47 10.65
C LEU A 77 -16.28 -8.14 10.47
N GLY A 78 -15.50 -8.01 9.39
CA GLY A 78 -14.81 -6.77 9.04
C GLY A 78 -13.64 -6.44 9.94
N ASN A 79 -12.86 -7.45 10.34
CA ASN A 79 -11.71 -7.13 11.25
C ASN A 79 -10.49 -7.95 10.79
N ALA A 80 -9.59 -7.28 10.07
CA ALA A 80 -8.31 -7.91 9.69
C ALA A 80 -7.46 -7.84 10.94
N ALA A 81 -7.28 -8.96 11.63
CA ALA A 81 -6.61 -8.90 12.93
C ALA A 81 -5.27 -9.63 12.91
N LEU A 82 -4.18 -8.92 13.16
CA LEU A 82 -2.87 -9.60 13.19
C LEU A 82 -2.59 -10.00 14.64
N GLN A 83 -2.22 -11.25 14.89
CA GLN A 83 -1.95 -11.67 16.29
C GLN A 83 -0.52 -12.14 16.42
N ILE A 84 0.37 -11.32 16.99
CA ILE A 84 1.76 -11.80 17.15
C ILE A 84 1.87 -12.37 18.56
N THR A 85 2.45 -13.56 18.70
CA THR A 85 2.61 -14.15 20.04
C THR A 85 4.10 -14.21 20.38
N ASP A 86 4.44 -14.31 21.67
CA ASP A 86 5.85 -14.34 22.14
C ASP A 86 6.54 -13.07 21.62
N VAL A 87 6.10 -11.90 22.05
CA VAL A 87 6.57 -10.64 21.41
C VAL A 87 8.02 -10.37 21.78
N LYS A 88 8.82 -9.99 20.79
CA LYS A 88 10.25 -9.62 20.93
C LYS A 88 10.32 -8.08 20.91
N LEU A 89 11.44 -7.54 21.40
CA LEU A 89 11.72 -6.09 21.40
C LEU A 89 11.88 -5.65 19.95
N GLN A 90 12.21 -6.60 19.07
CA GLN A 90 12.42 -6.37 17.61
C GLN A 90 11.10 -6.15 16.87
N ASP A 91 9.96 -6.47 17.50
CA ASP A 91 8.60 -6.28 16.93
C ASP A 91 8.13 -4.85 17.15
N ALA A 92 8.90 -4.02 17.83
CA ALA A 92 8.56 -2.59 18.00
C ALA A 92 8.81 -1.89 16.68
N GLY A 93 7.94 -0.96 16.32
CA GLY A 93 7.99 -0.26 15.03
C GLY A 93 6.62 0.13 14.51
N VAL A 94 6.60 0.67 13.30
CA VAL A 94 5.37 0.99 12.51
C VAL A 94 5.01 -0.21 11.63
N TYR A 95 3.77 -0.69 11.74
CA TYR A 95 3.14 -1.75 10.90
C TYR A 95 2.14 -1.05 9.97
N ARG A 96 1.99 -1.54 8.75
CA ARG A 96 0.93 -1.08 7.81
C ARG A 96 -0.04 -2.23 7.54
N CYS A 97 -1.34 -1.96 7.55
CA CYS A 97 -2.35 -2.95 7.08
C CYS A 97 -2.98 -2.42 5.79
N MET A 98 -2.82 -3.16 4.68
CA MET A 98 -3.30 -2.76 3.34
C MET A 98 -4.44 -3.71 2.92
N ILE A 99 -5.64 -3.19 2.77
CA ILE A 99 -6.83 -4.01 2.39
C ILE A 99 -7.34 -3.49 1.05
N SER A 100 -7.63 -4.40 0.11
CA SER A 100 -8.52 -4.18 -1.05
C SER A 100 -9.83 -4.94 -0.83
N TYR A 101 -10.95 -4.25 -0.82
CA TYR A 101 -12.26 -4.94 -0.73
C TYR A 101 -13.52 -4.51 -1.46
N GLY A 102 -14.06 -3.32 -1.21
CA GLY A 102 -14.85 -2.57 -2.19
C GLY A 102 -13.88 -1.73 -2.98
N GLY A 103 -13.14 -0.91 -2.26
CA GLY A 103 -12.08 -0.05 -2.81
C GLY A 103 -10.79 -0.37 -2.11
N ALA A 104 -9.93 0.61 -1.86
CA ALA A 104 -8.67 0.27 -1.18
C ALA A 104 -8.30 1.35 -0.17
N ASP A 105 -7.48 1.00 0.80
CA ASP A 105 -7.00 1.94 1.84
C ASP A 105 -5.95 1.21 2.67
N TYR A 106 -5.13 1.97 3.40
CA TYR A 106 -4.17 1.38 4.38
C TYR A 106 -4.12 2.28 5.60
N LYS A 107 -3.49 1.80 6.67
CA LYS A 107 -3.35 2.56 7.93
C LYS A 107 -2.08 2.09 8.65
N ARG A 108 -1.35 3.02 9.25
CA ARG A 108 -0.14 2.76 10.06
C ARG A 108 -0.57 2.45 11.50
N ILE A 109 0.11 1.52 12.14
CA ILE A 109 -0.15 1.24 13.57
C ILE A 109 1.22 1.21 14.25
N THR A 110 1.40 1.95 15.33
CA THR A 110 2.72 2.04 16.00
C THR A 110 2.76 1.11 17.21
N VAL A 111 3.90 0.47 17.47
CA VAL A 111 3.98 -0.42 18.65
C VAL A 111 5.32 -0.26 19.37
N LYS A 112 5.26 -0.04 20.69
CA LYS A 112 6.45 -0.08 21.56
C LYS A 112 6.31 -1.36 22.38
N VAL A 113 7.43 -2.01 22.68
CA VAL A 113 7.57 -3.07 23.72
C VAL A 113 8.44 -2.53 24.86
N ASN A 114 7.84 -2.45 26.06
CA ASN A 114 8.57 -2.29 27.35
C ASN A 114 9.25 -3.61 27.68
N ALA A 115 10.40 -3.51 28.37
CA ALA A 115 11.41 -4.59 28.49
C ALA A 115 11.30 -5.27 29.85
N PRO A 116 11.71 -6.56 29.96
CA PRO A 116 11.36 -7.42 31.09
C PRO A 116 11.83 -6.93 32.47
N TYR A 117 10.99 -7.13 33.48
CA TYR A 117 11.25 -6.81 34.91
C TYR A 117 10.80 -5.38 35.20
N ALA B 1 0.73 -14.86 -10.12
CA ALA B 1 0.40 -13.96 -8.98
C ALA B 1 0.65 -12.51 -9.38
N PHE B 2 -0.41 -11.71 -9.30
CA PHE B 2 -0.43 -10.27 -9.64
C PHE B 2 0.81 -9.57 -9.13
N THR B 3 1.61 -9.02 -10.03
CA THR B 3 2.86 -8.36 -9.59
C THR B 3 3.02 -7.03 -10.30
N VAL B 4 3.37 -5.97 -9.58
CA VAL B 4 3.56 -4.63 -10.19
C VAL B 4 5.04 -4.49 -10.51
N THR B 5 5.39 -3.90 -11.64
CA THR B 5 6.83 -3.87 -11.96
C THR B 5 7.27 -2.49 -12.44
N VAL B 6 8.45 -2.05 -12.00
CA VAL B 6 9.03 -0.73 -12.38
C VAL B 6 10.18 -0.98 -13.35
N PRO B 7 10.10 -0.45 -14.60
CA PRO B 7 11.21 -0.52 -15.54
C PRO B 7 12.47 0.08 -14.92
N LYS B 8 12.29 0.93 -13.93
CA LYS B 8 13.48 1.51 -13.25
C LYS B 8 13.03 1.87 -11.85
N ASP B 9 13.86 1.60 -10.85
CA ASP B 9 13.48 1.96 -9.46
C ASP B 9 14.16 3.27 -9.09
N LEU B 10 14.97 3.82 -9.96
CA LEU B 10 15.62 5.09 -9.60
C LEU B 10 15.71 5.97 -10.84
N TYR B 11 15.24 7.21 -10.75
CA TYR B 11 15.28 8.12 -11.92
C TYR B 11 16.10 9.36 -11.58
N VAL B 12 17.06 9.72 -12.42
CA VAL B 12 17.81 10.99 -12.20
C VAL B 12 17.34 11.94 -13.30
N VAL B 13 16.80 13.07 -12.90
CA VAL B 13 16.16 14.08 -13.80
C VAL B 13 16.72 15.47 -13.50
N GLU B 14 16.55 16.40 -14.44
CA GLU B 14 17.08 17.78 -14.30
C GLU B 14 15.96 18.71 -13.83
N TYR B 15 16.28 19.58 -12.85
CA TYR B 15 15.48 20.77 -12.50
C TYR B 15 14.88 21.36 -13.78
N GLY B 16 13.58 21.68 -13.76
CA GLY B 16 12.87 22.40 -14.83
C GLY B 16 12.34 21.50 -15.94
N SER B 17 12.79 20.23 -16.01
CA SER B 17 12.40 19.26 -17.06
C SER B 17 11.10 18.54 -16.69
N ASN B 18 10.61 17.69 -17.57
CA ASN B 18 9.41 16.83 -17.39
C ASN B 18 9.88 15.41 -17.09
N MET B 19 9.17 14.70 -16.22
CA MET B 19 9.55 13.35 -15.74
C MET B 19 8.29 12.51 -15.68
N THR B 20 8.34 11.29 -16.20
CA THR B 20 7.24 10.31 -16.12
C THR B 20 7.72 9.09 -15.34
N ILE B 21 7.14 8.84 -14.17
CA ILE B 21 7.41 7.63 -13.32
C ILE B 21 6.45 6.53 -13.79
N GLU B 22 6.96 5.39 -14.23
CA GLU B 22 6.04 4.34 -14.74
C GLU B 22 5.93 3.15 -13.82
N CYS B 23 4.74 2.65 -13.55
CA CYS B 23 4.70 1.35 -12.84
C CYS B 23 3.61 0.51 -13.51
N LYS B 24 4.00 -0.68 -13.99
CA LYS B 24 3.14 -1.50 -14.88
C LYS B 24 2.53 -2.68 -14.14
N PHE B 25 1.32 -3.03 -14.58
CA PHE B 25 0.52 -4.17 -14.08
C PHE B 25 0.05 -4.97 -15.31
N PRO B 26 -0.36 -6.24 -15.18
CA PRO B 26 -0.78 -7.03 -16.32
C PRO B 26 -2.18 -6.67 -16.78
N VAL B 27 -2.43 -6.72 -18.09
CA VAL B 27 -3.76 -6.38 -18.68
C VAL B 27 -4.04 -7.36 -19.82
N GLU B 28 -5.22 -7.99 -19.80
CA GLU B 28 -5.62 -8.96 -20.87
C GLU B 28 -6.01 -8.19 -22.13
N LYS B 29 -7.12 -7.46 -22.08
CA LYS B 29 -7.60 -6.66 -23.25
C LYS B 29 -8.47 -5.51 -22.75
N GLN B 30 -9.78 -5.79 -22.54
CA GLN B 30 -10.72 -4.75 -22.06
C GLN B 30 -10.38 -4.36 -20.62
N LEU B 31 -9.92 -3.12 -20.41
CA LEU B 31 -9.55 -2.62 -19.07
C LEU B 31 -10.82 -2.48 -18.23
N ASP B 32 -10.93 -3.21 -17.14
CA ASP B 32 -12.18 -3.12 -16.35
C ASP B 32 -12.04 -1.98 -15.35
N LEU B 33 -12.33 -0.77 -15.80
CA LEU B 33 -12.23 0.46 -14.97
C LEU B 33 -12.90 0.19 -13.62
N ALA B 34 -13.95 -0.64 -13.63
CA ALA B 34 -14.66 -1.00 -12.39
C ALA B 34 -13.75 -1.79 -11.43
N ALA B 35 -12.74 -2.52 -11.93
CA ALA B 35 -11.84 -3.36 -11.09
C ALA B 35 -10.50 -2.67 -10.81
N LEU B 36 -10.30 -1.39 -11.17
CA LEU B 36 -8.96 -0.75 -11.17
C LEU B 36 -8.91 0.38 -10.16
N ILE B 37 -7.91 0.34 -9.29
CA ILE B 37 -7.55 1.43 -8.33
C ILE B 37 -6.04 1.67 -8.43
N VAL B 38 -5.70 2.93 -8.61
CA VAL B 38 -4.31 3.39 -8.77
C VAL B 38 -4.13 4.54 -7.80
N TYR B 39 -3.15 4.38 -6.92
CA TYR B 39 -2.84 5.33 -5.84
C TYR B 39 -1.35 5.63 -5.88
N TRP B 40 -1.03 6.91 -5.96
CA TRP B 40 0.37 7.40 -5.98
C TRP B 40 0.57 8.25 -4.73
N GLU B 41 1.64 7.97 -4.02
CA GLU B 41 2.05 8.59 -2.74
C GLU B 41 3.49 9.09 -2.86
N MET B 42 3.81 10.21 -2.23
CA MET B 42 5.22 10.67 -2.08
C MET B 42 5.39 11.17 -0.67
N GLU B 43 6.12 10.44 0.17
CA GLU B 43 6.22 10.69 1.65
C GLU B 43 4.81 10.80 2.25
N ASP B 44 3.89 9.97 1.77
CA ASP B 44 2.52 9.92 2.33
C ASP B 44 1.72 11.10 1.80
N LYS B 45 2.27 11.85 0.86
CA LYS B 45 1.50 12.97 0.26
C LYS B 45 0.65 12.36 -0.85
N ASN B 46 -0.66 12.32 -0.67
CA ASN B 46 -1.58 11.76 -1.70
C ASN B 46 -1.39 12.54 -2.99
N ILE B 47 -0.88 11.90 -4.04
CA ILE B 47 -0.61 12.53 -5.36
C ILE B 47 -1.75 12.18 -6.31
N ILE B 48 -2.00 10.88 -6.48
CA ILE B 48 -3.07 10.34 -7.38
C ILE B 48 -3.93 9.38 -6.58
N GLN B 49 -5.24 9.58 -6.61
CA GLN B 49 -6.27 8.68 -6.03
C GLN B 49 -7.29 8.41 -7.14
N PHE B 50 -7.06 7.34 -7.91
CA PHE B 50 -7.82 7.06 -9.14
C PHE B 50 -8.57 5.74 -8.95
N VAL B 51 -9.90 5.79 -8.84
CA VAL B 51 -10.74 4.68 -8.31
C VAL B 51 -11.93 4.48 -9.24
N HIS B 52 -11.96 3.35 -9.93
CA HIS B 52 -13.11 2.95 -10.79
C HIS B 52 -13.42 4.08 -11.79
N GLY B 53 -12.40 4.79 -12.25
CA GLY B 53 -12.53 5.82 -13.31
C GLY B 53 -12.47 7.23 -12.77
N GLU B 54 -12.89 7.47 -11.53
CA GLU B 54 -12.95 8.89 -11.11
C GLU B 54 -11.83 9.29 -10.14
N GLU B 55 -11.31 10.50 -10.32
CA GLU B 55 -10.20 10.99 -9.49
C GLU B 55 -10.75 11.97 -8.44
N ASP B 56 -10.58 11.66 -7.16
CA ASP B 56 -10.99 12.62 -6.11
C ASP B 56 -9.89 13.69 -6.10
N LEU B 57 -9.89 14.52 -7.13
CA LEU B 57 -8.88 15.60 -7.36
C LEU B 57 -8.97 16.60 -6.22
N LYS B 58 -9.94 16.42 -5.33
CA LYS B 58 -10.04 17.34 -4.15
C LYS B 58 -8.71 17.24 -3.42
N VAL B 59 -8.35 16.01 -3.04
CA VAL B 59 -7.11 15.72 -2.29
C VAL B 59 -6.01 15.39 -3.29
N GLN B 60 -5.14 16.37 -3.53
CA GLN B 60 -3.97 16.29 -4.45
C GLN B 60 -3.02 17.41 -4.02
N HIS B 61 -1.86 17.03 -3.45
CA HIS B 61 -0.84 17.99 -2.95
C HIS B 61 -0.84 19.11 -3.99
N SER B 62 -1.02 20.36 -3.55
CA SER B 62 -1.01 21.53 -4.45
C SER B 62 0.46 21.69 -4.81
N SER B 63 1.30 20.83 -4.22
CA SER B 63 2.76 20.82 -4.47
C SER B 63 2.77 20.34 -5.92
N TYR B 64 1.91 19.38 -6.26
CA TYR B 64 1.83 18.91 -7.67
C TYR B 64 0.59 19.31 -8.46
N ARG B 65 -0.39 19.89 -7.79
CA ARG B 65 -1.63 20.21 -8.55
C ARG B 65 -1.33 20.94 -9.85
N GLN B 66 -1.89 20.40 -10.92
CA GLN B 66 -1.81 20.92 -12.31
C GLN B 66 -0.42 20.66 -12.94
N ARG B 67 0.41 19.82 -12.33
CA ARG B 67 1.76 19.44 -12.86
C ARG B 67 2.01 17.93 -12.74
N ALA B 68 1.33 17.26 -11.80
CA ALA B 68 1.34 15.79 -11.56
C ALA B 68 0.03 15.16 -12.03
N ARG B 69 0.09 14.45 -13.16
CA ARG B 69 -1.08 13.88 -13.86
C ARG B 69 -0.87 12.36 -14.06
N LEU B 70 -1.95 11.59 -13.97
CA LEU B 70 -1.97 10.16 -14.33
C LEU B 70 -2.33 10.05 -15.81
N LEU B 71 -1.35 9.65 -16.62
CA LEU B 71 -1.61 9.47 -18.06
C LEU B 71 -2.68 8.39 -18.17
N LYS B 72 -3.93 8.78 -18.32
CA LYS B 72 -5.05 7.80 -18.46
C LYS B 72 -5.27 7.49 -19.95
N ASP B 73 -4.21 7.04 -20.61
CA ASP B 73 -4.12 6.68 -22.05
C ASP B 73 -3.16 5.49 -22.15
N GLN B 74 -2.33 5.30 -21.12
CA GLN B 74 -1.38 4.16 -21.06
C GLN B 74 -2.02 3.10 -20.16
N LEU B 75 -2.79 3.55 -19.18
CA LEU B 75 -3.50 2.56 -18.32
C LEU B 75 -3.97 1.38 -19.18
N SER B 76 -4.56 1.65 -20.35
CA SER B 76 -5.12 0.62 -21.27
C SER B 76 -4.04 -0.37 -21.74
N LEU B 77 -2.76 0.03 -21.69
CA LEU B 77 -1.61 -0.85 -22.02
C LEU B 77 -0.94 -1.31 -20.72
N GLY B 78 -1.63 -1.23 -19.58
CA GLY B 78 -1.15 -1.65 -18.24
C GLY B 78 0.02 -0.81 -17.74
N ASN B 79 -0.06 0.52 -17.87
CA ASN B 79 1.00 1.48 -17.42
C ASN B 79 0.36 2.64 -16.65
N ALA B 80 0.42 2.56 -15.31
CA ALA B 80 0.09 3.69 -14.39
C ALA B 80 1.26 4.67 -14.41
N ALA B 81 1.17 5.72 -15.23
CA ALA B 81 2.32 6.60 -15.55
C ALA B 81 2.12 7.98 -14.90
N LEU B 82 2.95 8.27 -13.90
CA LEU B 82 2.92 9.58 -13.20
C LEU B 82 3.90 10.50 -13.89
N GLN B 83 3.41 11.64 -14.38
CA GLN B 83 4.21 12.65 -15.11
C GLN B 83 4.19 13.96 -14.33
N ILE B 84 5.37 14.49 -13.97
CA ILE B 84 5.42 15.79 -13.25
C ILE B 84 6.14 16.81 -14.16
N THR B 85 5.40 17.80 -14.65
CA THR B 85 5.98 18.84 -15.55
C THR B 85 6.66 19.93 -14.70
N ASP B 86 7.83 20.40 -15.14
CA ASP B 86 8.59 21.45 -14.41
C ASP B 86 9.19 21.03 -13.07
N VAL B 87 10.02 20.00 -13.09
CA VAL B 87 10.58 19.41 -11.85
C VAL B 87 11.32 20.33 -10.86
N LYS B 88 10.75 20.51 -9.67
CA LYS B 88 11.40 21.28 -8.60
C LYS B 88 12.28 20.29 -7.82
N LEU B 89 13.24 20.79 -7.03
CA LEU B 89 14.12 20.02 -6.11
C LEU B 89 13.28 19.28 -5.08
N GLN B 90 12.15 19.87 -4.66
CA GLN B 90 11.18 19.29 -3.68
C GLN B 90 10.62 17.96 -4.21
N ASP B 91 10.65 17.73 -5.53
CA ASP B 91 10.12 16.49 -6.18
C ASP B 91 11.07 15.32 -5.95
N ALA B 92 12.28 15.56 -5.44
CA ALA B 92 13.25 14.51 -5.09
C ALA B 92 12.69 13.74 -3.90
N GLY B 93 12.78 12.41 -3.94
CA GLY B 93 12.39 11.51 -2.84
C GLY B 93 11.84 10.19 -3.34
N VAL B 94 11.20 9.44 -2.45
CA VAL B 94 10.65 8.09 -2.71
C VAL B 94 9.15 8.25 -2.97
N TYR B 95 8.69 7.72 -4.10
CA TYR B 95 7.27 7.62 -4.53
C TYR B 95 6.85 6.15 -4.37
N ARG B 96 5.58 5.91 -4.09
CA ARG B 96 5.08 4.52 -3.98
C ARG B 96 3.84 4.42 -4.85
N CYS B 97 3.75 3.45 -5.76
CA CYS B 97 2.51 3.35 -6.56
C CYS B 97 1.78 2.06 -6.16
N MET B 98 0.56 2.19 -5.67
CA MET B 98 -0.22 1.01 -5.22
C MET B 98 -1.35 0.75 -6.22
N ILE B 99 -1.42 -0.44 -6.77
CA ILE B 99 -2.48 -0.84 -7.73
C ILE B 99 -3.25 -2.01 -7.12
N SER B 100 -4.58 -1.97 -7.15
CA SER B 100 -5.44 -3.14 -6.89
C SER B 100 -6.17 -3.46 -8.21
N TYR B 101 -5.84 -4.58 -8.87
CA TYR B 101 -6.55 -4.95 -10.13
C TYR B 101 -7.09 -6.37 -10.12
N GLY B 102 -6.24 -7.39 -10.32
CA GLY B 102 -6.71 -8.78 -10.14
C GLY B 102 -6.55 -8.88 -8.65
N GLY B 103 -5.31 -8.93 -8.19
CA GLY B 103 -5.14 -8.62 -6.77
C GLY B 103 -4.38 -7.33 -6.64
N ALA B 104 -3.32 -7.31 -5.84
CA ALA B 104 -2.76 -6.06 -5.28
C ALA B 104 -1.25 -6.19 -5.07
N ASP B 105 -0.54 -5.08 -5.26
CA ASP B 105 0.93 -4.97 -5.09
C ASP B 105 1.29 -3.48 -5.07
N TYR B 106 2.49 -3.16 -4.58
CA TYR B 106 3.04 -1.79 -4.65
C TYR B 106 4.54 -1.87 -4.93
N LYS B 107 5.13 -0.78 -5.41
CA LYS B 107 6.60 -0.63 -5.62
C LYS B 107 7.05 0.77 -5.22
N ARG B 108 8.29 0.92 -4.74
CA ARG B 108 8.95 2.22 -4.45
C ARG B 108 9.68 2.68 -5.70
N ILE B 109 9.67 3.98 -5.99
CA ILE B 109 10.60 4.58 -6.99
C ILE B 109 11.26 5.79 -6.32
N THR B 110 12.57 5.93 -6.47
CA THR B 110 13.37 7.09 -6.00
C THR B 110 13.60 8.06 -7.16
N VAL B 111 13.57 9.34 -6.84
CA VAL B 111 13.88 10.44 -7.79
C VAL B 111 14.99 11.30 -7.17
N LYS B 112 16.08 11.41 -7.90
CA LYS B 112 17.18 12.30 -7.51
C LYS B 112 17.11 13.42 -8.51
N VAL B 113 17.06 14.64 -8.03
CA VAL B 113 17.00 15.78 -8.98
C VAL B 113 18.35 16.45 -8.99
N ASN B 114 18.89 16.73 -10.17
CA ASN B 114 20.15 17.49 -10.14
C ASN B 114 19.94 18.79 -10.90
N ALA B 115 20.80 19.76 -10.64
CA ALA B 115 20.68 21.05 -11.34
C ALA B 115 22.07 21.47 -11.78
N PRO B 116 22.53 21.07 -12.96
CA PRO B 116 23.86 21.43 -13.40
C PRO B 116 24.00 22.93 -13.68
N TYR B 117 25.16 23.47 -13.38
CA TYR B 117 25.54 24.89 -13.63
C TYR B 117 26.95 24.96 -14.23
#